data_7HHK
#
_entry.id   7HHK
#
_cell.length_a   41.350
_cell.length_b   42.020
_cell.length_c   158.280
_cell.angle_alpha   90.00
_cell.angle_beta   90.00
_cell.angle_gamma   90.00
#
_symmetry.space_group_name_H-M   'P 21 21 21'
#
loop_
_entity.id
_entity.type
_entity.pdbx_description
1 polymer 'Hepatoma-derived growth factor-related protein 2'
2 non-polymer 'SULFATE ION'
3 non-polymer 1,2-ETHANEDIOL
4 non-polymer 1-(methanesulfonyl)piperidin-4-ol
5 water water
#
_entity_poly.entity_id   1
_entity_poly.type   'polypeptide(L)'
_entity_poly.pdbx_seq_one_letter_code
;GMPHAFKPGDLVFAKMKGYPHWPARIDDIADGAVKPPPNKYPIFFFGTHETAFLGPKDLFPYDKSKDKYGKPNKRKGFNE
GLWEIQNNPHASYS
;
_entity_poly.pdbx_strand_id   A,B,C
#
loop_
_chem_comp.id
_chem_comp.type
_chem_comp.name
_chem_comp.formula
EDO non-polymer 1,2-ETHANEDIOL 'C2 H6 O2'
LPU non-polymer 1-(methanesulfonyl)piperidin-4-ol 'C6 H13 N O3 S'
SO4 non-polymer 'SULFATE ION' 'O4 S -2'
#
# COMPACT_ATOMS: atom_id res chain seq x y z
N MET A 2 26.37 -9.20 -5.55
CA MET A 2 26.42 -8.52 -4.23
C MET A 2 25.21 -7.62 -4.05
N PRO A 3 24.81 -7.37 -2.78
CA PRO A 3 23.74 -6.42 -2.42
C PRO A 3 23.95 -4.97 -2.87
N HIS A 4 22.85 -4.30 -3.21
CA HIS A 4 22.87 -2.85 -3.35
C HIS A 4 22.29 -2.35 -2.04
N ALA A 5 22.26 -1.03 -1.86
CA ALA A 5 21.55 -0.34 -0.80
C ALA A 5 20.05 -0.60 -0.96
N PHE A 6 19.28 -0.38 0.10
CA PHE A 6 17.85 -0.53 0.01
C PHE A 6 17.23 0.53 -0.91
N LYS A 7 16.16 0.17 -1.62
CA LYS A 7 15.50 1.18 -2.45
C LYS A 7 13.99 0.98 -2.39
N PRO A 8 13.15 2.00 -2.73
CA PRO A 8 11.71 1.83 -2.66
C PRO A 8 11.34 0.59 -3.49
N GLY A 9 10.39 -0.20 -2.97
CA GLY A 9 9.84 -1.40 -3.59
C GLY A 9 10.47 -2.69 -3.04
N ASP A 10 11.64 -2.59 -2.39
CA ASP A 10 12.28 -3.74 -1.76
C ASP A 10 11.37 -4.35 -0.68
N LEU A 11 11.33 -5.68 -0.63
CA LEU A 11 10.40 -6.35 0.28
C LEU A 11 11.24 -6.91 1.42
N VAL A 12 10.72 -6.80 2.66
CA VAL A 12 11.57 -7.15 3.79
C VAL A 12 10.73 -7.79 4.89
N PHE A 13 11.41 -8.34 5.89
CA PHE A 13 10.78 -8.49 7.21
C PHE A 13 11.40 -7.39 8.05
N ALA A 14 10.54 -6.53 8.64
CA ALA A 14 11.00 -5.40 9.43
C ALA A 14 10.78 -5.74 10.90
N LYS A 15 11.82 -5.46 11.70
CA LYS A 15 11.83 -5.81 13.11
C LYS A 15 11.74 -4.52 13.92
N MET A 16 10.69 -4.44 14.74
CA MET A 16 10.68 -3.45 15.82
C MET A 16 10.59 -4.13 17.17
N LYS A 17 11.17 -3.45 18.18
CA LYS A 17 11.16 -3.89 19.57
C LYS A 17 9.74 -4.31 19.95
N GLY A 18 9.63 -5.52 20.49
CA GLY A 18 8.33 -5.92 21.02
C GLY A 18 7.41 -6.50 19.94
N TYR A 19 7.86 -6.57 18.68
CA TYR A 19 6.99 -7.19 17.70
C TYR A 19 7.79 -8.25 16.95
N PRO A 20 7.13 -9.30 16.43
CA PRO A 20 7.84 -10.27 15.62
C PRO A 20 8.27 -9.57 14.32
N HIS A 21 9.32 -10.09 13.69
CA HIS A 21 9.74 -9.72 12.36
C HIS A 21 8.49 -9.67 11.48
N TRP A 22 8.28 -8.54 10.75
CA TRP A 22 6.96 -8.26 10.17
C TRP A 22 7.05 -8.03 8.66
N PRO A 23 6.19 -8.66 7.81
CA PRO A 23 6.28 -8.45 6.35
C PRO A 23 6.05 -6.97 6.05
N ALA A 24 6.95 -6.43 5.22
CA ALA A 24 6.99 -4.99 4.99
C ALA A 24 7.66 -4.63 3.67
N ARG A 25 7.53 -3.34 3.27
CA ARG A 25 8.19 -2.90 2.07
C ARG A 25 8.89 -1.58 2.34
N ILE A 26 9.92 -1.29 1.54
CA ILE A 26 10.44 0.08 1.54
C ILE A 26 9.49 0.96 0.73
N ASP A 27 8.93 1.99 1.35
CA ASP A 27 8.00 2.81 0.61
C ASP A 27 8.73 3.92 -0.16
N ASP A 28 8.03 4.41 -1.18
CA ASP A 28 8.34 5.69 -1.79
C ASP A 28 7.82 6.79 -0.87
N ILE A 29 8.38 7.99 -1.00
CA ILE A 29 7.78 9.19 -0.45
C ILE A 29 7.07 9.94 -1.58
N ALA A 30 5.75 10.18 -1.45
CA ALA A 30 5.00 11.00 -2.41
C ALA A 30 5.45 12.47 -2.35
N ASP A 31 5.40 13.11 -3.51
CA ASP A 31 5.67 14.55 -3.62
C ASP A 31 4.85 15.24 -2.55
N GLY A 32 5.47 16.11 -1.76
CA GLY A 32 4.76 16.91 -0.79
C GLY A 32 4.58 16.21 0.55
N ALA A 33 4.96 14.91 0.63
CA ALA A 33 4.77 14.13 1.85
C ALA A 33 5.97 14.27 2.78
N VAL A 34 5.77 13.88 4.04
CA VAL A 34 6.82 13.95 5.05
C VAL A 34 7.92 12.94 4.76
N LYS A 35 9.15 13.44 4.75
CA LYS A 35 10.34 12.65 4.51
C LYS A 35 10.76 12.03 5.84
N PRO A 36 11.48 10.88 5.79
CA PRO A 36 11.95 10.22 7.00
C PRO A 36 13.14 11.03 7.50
N PRO A 37 13.60 10.80 8.75
CA PRO A 37 14.90 11.29 9.20
C PRO A 37 16.04 10.79 8.34
N PRO A 38 17.23 11.44 8.51
CA PRO A 38 18.50 10.94 7.97
C PRO A 38 18.74 9.48 8.31
N ASN A 39 19.19 8.71 7.31
CA ASN A 39 19.64 7.35 7.56
C ASN A 39 18.47 6.40 7.83
N LYS A 40 17.23 6.88 7.70
CA LYS A 40 16.05 6.04 7.90
C LYS A 40 15.27 5.91 6.60
N TYR A 41 14.50 4.81 6.48
CA TYR A 41 13.64 4.56 5.32
C TYR A 41 12.20 4.52 5.79
N PRO A 42 11.20 4.87 4.93
CA PRO A 42 9.79 4.74 5.29
C PRO A 42 9.36 3.28 5.12
N ILE A 43 8.90 2.64 6.19
CA ILE A 43 8.62 1.20 6.09
C ILE A 43 7.11 1.01 6.17
N PHE A 44 6.52 0.45 5.11
CA PHE A 44 5.11 0.18 5.12
C PHE A 44 4.95 -1.28 5.57
N PHE A 45 4.24 -1.50 6.68
CA PHE A 45 4.06 -2.85 7.18
C PHE A 45 2.75 -3.38 6.60
N PHE A 46 2.85 -4.52 5.90
CA PHE A 46 1.69 -5.21 5.36
C PHE A 46 0.80 -5.64 6.52
N GLY A 47 -0.50 -5.70 6.22
CA GLY A 47 -1.51 -6.17 7.14
C GLY A 47 -2.05 -5.04 8.02
N THR A 48 -1.16 -4.33 8.74
CA THR A 48 -1.63 -3.26 9.63
C THR A 48 -1.72 -1.97 8.84
N HIS A 49 -0.94 -1.92 7.75
CA HIS A 49 -0.84 -0.77 6.87
C HIS A 49 -0.26 0.45 7.59
N GLU A 50 0.57 0.23 8.62
CA GLU A 50 1.18 1.37 9.29
C GLU A 50 2.56 1.63 8.72
N THR A 51 3.02 2.87 8.89
CA THR A 51 4.39 3.22 8.52
C THR A 51 5.23 3.49 9.77
N ALA A 52 6.49 2.99 9.82
CA ALA A 52 7.49 3.57 10.70
C ALA A 52 8.79 3.83 9.94
N PHE A 53 9.71 4.52 10.60
CA PHE A 53 10.98 4.90 10.00
C PHE A 53 12.04 4.01 10.65
N LEU A 54 12.74 3.23 9.82
CA LEU A 54 13.71 2.29 10.34
C LEU A 54 15.00 2.33 9.53
N GLY A 55 16.11 1.95 10.21
CA GLY A 55 17.40 1.82 9.57
C GLY A 55 17.61 0.35 9.16
N PRO A 56 18.62 0.13 8.29
CA PRO A 56 18.98 -1.21 7.78
C PRO A 56 19.12 -2.31 8.83
N LYS A 57 19.63 -1.94 10.01
CA LYS A 57 19.80 -2.96 11.04
C LYS A 57 18.49 -3.70 11.34
N ASP A 58 17.35 -3.07 11.09
CA ASP A 58 16.12 -3.72 11.42
C ASP A 58 15.40 -4.31 10.20
N LEU A 59 16.08 -4.38 9.06
CA LEU A 59 15.49 -4.71 7.75
C LEU A 59 16.12 -5.99 7.20
N PHE A 60 15.30 -7.03 7.06
CA PHE A 60 15.77 -8.34 6.58
C PHE A 60 15.13 -8.65 5.23
N PRO A 61 15.95 -8.68 4.16
CA PRO A 61 15.43 -9.04 2.83
C PRO A 61 14.53 -10.28 2.80
N TYR A 62 13.39 -10.15 2.11
CA TYR A 62 12.28 -11.07 2.20
C TYR A 62 12.66 -12.44 1.64
N ASP A 63 13.27 -12.46 0.46
CA ASP A 63 13.66 -13.74 -0.15
C ASP A 63 14.45 -14.60 0.83
N LYS A 64 15.60 -14.07 1.25
CA LYS A 64 16.49 -14.73 2.20
C LYS A 64 15.80 -15.16 3.50
N SER A 65 14.82 -14.37 3.99
CA SER A 65 14.33 -14.50 5.37
C SER A 65 12.98 -15.21 5.44
N LYS A 66 12.34 -15.46 4.28
CA LYS A 66 10.95 -15.89 4.32
C LYS A 66 10.76 -17.24 5.02
N ASP A 67 11.70 -18.18 4.83
N ASP A 67 11.68 -18.19 4.80
CA ASP A 67 11.60 -19.51 5.43
CA ASP A 67 11.57 -19.49 5.45
C ASP A 67 11.63 -19.44 6.95
C ASP A 67 11.48 -19.32 6.96
N LYS A 68 12.35 -18.46 7.52
CA LYS A 68 12.36 -18.29 8.96
C LYS A 68 11.13 -17.51 9.47
N TYR A 69 10.78 -16.42 8.79
CA TYR A 69 9.94 -15.40 9.44
C TYR A 69 8.51 -15.47 8.90
N GLY A 70 8.33 -16.13 7.75
CA GLY A 70 7.04 -16.10 7.05
C GLY A 70 6.14 -17.27 7.49
N LYS A 71 5.74 -17.28 8.76
CA LYS A 71 4.87 -18.27 9.35
C LYS A 71 3.77 -17.49 10.06
N PRO A 72 2.55 -18.05 10.16
CA PRO A 72 1.43 -17.39 10.86
C PRO A 72 1.77 -16.93 12.26
N ASN A 73 1.12 -15.84 12.67
CA ASN A 73 1.38 -15.26 13.97
C ASN A 73 0.03 -14.76 14.49
N LYS A 74 -0.12 -14.76 15.82
CA LYS A 74 -1.36 -14.37 16.46
C LYS A 74 -1.59 -12.86 16.31
N ARG A 75 -0.52 -12.08 16.16
CA ARG A 75 -0.64 -10.63 16.27
C ARG A 75 -1.57 -10.05 15.19
N LYS A 76 -2.27 -8.98 15.54
CA LYS A 76 -3.25 -8.35 14.68
C LYS A 76 -2.61 -7.92 13.37
N GLY A 77 -3.17 -8.42 12.27
CA GLY A 77 -2.83 -7.92 10.94
C GLY A 77 -1.72 -8.76 10.29
N PHE A 78 -1.05 -9.60 11.07
CA PHE A 78 0.14 -10.29 10.62
C PHE A 78 -0.18 -11.21 9.44
N ASN A 79 -1.21 -12.04 9.60
CA ASN A 79 -1.50 -13.02 8.57
C ASN A 79 -2.04 -12.37 7.30
N GLU A 80 -2.87 -11.32 7.46
CA GLU A 80 -3.20 -10.51 6.29
C GLU A 80 -1.90 -10.04 5.63
N GLY A 81 -0.95 -9.62 6.46
CA GLY A 81 0.35 -9.11 5.99
C GLY A 81 1.09 -10.14 5.14
N LEU A 82 1.03 -11.40 5.58
CA LEU A 82 1.73 -12.46 4.85
C LEU A 82 1.14 -12.60 3.44
N TRP A 83 -0.17 -12.44 3.33
CA TRP A 83 -0.86 -12.66 2.05
C TRP A 83 -0.44 -11.51 1.13
N GLU A 84 -0.38 -10.30 1.69
CA GLU A 84 -0.07 -9.14 0.85
C GLU A 84 1.33 -9.20 0.24
N ILE A 85 2.32 -9.55 1.08
CA ILE A 85 3.70 -9.51 0.64
C ILE A 85 3.91 -10.62 -0.40
N GLN A 86 3.18 -11.74 -0.24
CA GLN A 86 3.36 -12.85 -1.17
C GLN A 86 2.58 -12.59 -2.46
N ASN A 87 1.37 -12.01 -2.37
CA ASN A 87 0.37 -11.98 -3.45
C ASN A 87 0.21 -10.62 -4.15
N ASN A 88 0.36 -9.46 -3.45
CA ASN A 88 0.32 -8.18 -4.17
C ASN A 88 1.15 -7.13 -3.42
N PRO A 89 2.48 -7.34 -3.30
CA PRO A 89 3.28 -6.53 -2.39
C PRO A 89 3.48 -5.12 -2.91
N HIS A 90 3.15 -4.82 -4.20
CA HIS A 90 3.43 -3.50 -4.76
C HIS A 90 2.16 -2.68 -5.00
N ALA A 91 1.00 -3.18 -4.54
CA ALA A 91 -0.32 -2.58 -4.66
C ALA A 91 -0.46 -1.34 -3.78
N SER A 92 -1.41 -0.48 -4.17
CA SER A 92 -1.78 0.63 -3.31
C SER A 92 -2.68 0.10 -2.20
N TYR A 93 -2.25 0.29 -0.94
CA TYR A 93 -3.08 -0.08 0.20
C TYR A 93 -3.64 1.16 0.91
N SER A 94 -3.67 2.31 0.23
CA SER A 94 -4.38 3.48 0.74
C SER A 94 -5.80 3.06 1.16
N MET B 2 -7.91 38.04 -22.17
CA MET B 2 -8.21 39.16 -21.24
C MET B 2 -7.21 39.11 -20.06
N PRO B 3 -6.55 40.25 -19.71
CA PRO B 3 -5.70 40.29 -18.52
C PRO B 3 -6.50 39.90 -17.29
N HIS B 4 -5.78 39.39 -16.28
CA HIS B 4 -6.41 38.83 -15.09
C HIS B 4 -5.70 39.32 -13.83
N ALA B 5 -6.39 39.15 -12.68
CA ALA B 5 -5.86 39.48 -11.38
C ALA B 5 -4.46 38.90 -11.28
N PHE B 6 -4.37 37.60 -11.61
CA PHE B 6 -3.10 36.89 -11.68
C PHE B 6 -2.79 36.62 -13.16
N LYS B 7 -1.56 36.90 -13.57
CA LYS B 7 -1.14 36.68 -14.95
C LYS B 7 -0.01 35.62 -15.00
N PRO B 8 0.17 34.92 -16.14
CA PRO B 8 1.19 33.89 -16.25
C PRO B 8 2.53 34.46 -15.84
N GLY B 9 3.21 33.73 -14.97
CA GLY B 9 4.55 34.12 -14.54
C GLY B 9 4.53 34.71 -13.14
N ASP B 10 3.33 35.02 -12.63
CA ASP B 10 3.18 35.56 -11.27
C ASP B 10 3.63 34.49 -10.28
N LEU B 11 4.36 34.93 -9.25
CA LEU B 11 4.81 33.95 -8.29
C LEU B 11 3.91 34.00 -7.06
N VAL B 12 3.63 32.82 -6.47
CA VAL B 12 2.72 32.70 -5.34
C VAL B 12 3.22 31.63 -4.38
N PHE B 13 2.64 31.58 -3.19
CA PHE B 13 2.51 30.30 -2.50
C PHE B 13 1.09 29.81 -2.76
N ALA B 14 0.97 28.50 -3.10
CA ALA B 14 -0.32 27.89 -3.37
C ALA B 14 -0.67 26.87 -2.29
N LYS B 15 -1.96 26.83 -1.95
CA LYS B 15 -2.39 26.10 -0.75
C LYS B 15 -3.36 25.01 -1.17
N MET B 16 -3.00 23.77 -0.82
CA MET B 16 -3.88 22.63 -1.06
C MET B 16 -4.03 21.89 0.27
N LYS B 17 -5.20 21.26 0.43
CA LYS B 17 -5.50 20.46 1.62
C LYS B 17 -4.45 19.35 1.74
N GLY B 18 -3.83 19.23 2.93
CA GLY B 18 -2.85 18.21 3.21
C GLY B 18 -1.40 18.70 3.12
N TYR B 19 -1.23 19.95 2.68
CA TYR B 19 0.10 20.45 2.42
C TYR B 19 0.25 21.88 2.94
N PRO B 20 1.48 22.28 3.30
CA PRO B 20 1.78 23.69 3.58
C PRO B 20 1.68 24.56 2.33
N HIS B 21 1.31 25.83 2.51
CA HIS B 21 1.38 26.83 1.43
C HIS B 21 2.71 26.65 0.70
N TRP B 22 2.62 26.48 -0.63
CA TRP B 22 3.73 25.88 -1.35
C TRP B 22 4.24 26.84 -2.43
N PRO B 23 5.58 27.06 -2.56
CA PRO B 23 6.14 27.93 -3.61
C PRO B 23 5.65 27.47 -4.98
N ALA B 24 5.04 28.41 -5.73
CA ALA B 24 4.51 28.02 -7.02
C ALA B 24 4.45 29.21 -7.97
N ARG B 25 3.94 28.92 -9.19
CA ARG B 25 3.80 29.94 -10.22
C ARG B 25 2.48 29.72 -10.93
N ILE B 26 1.94 30.85 -11.45
CA ILE B 26 0.88 30.83 -12.46
C ILE B 26 1.51 30.53 -13.83
N ASP B 27 1.03 29.45 -14.42
CA ASP B 27 1.40 28.98 -15.75
C ASP B 27 0.41 29.41 -16.84
N ASP B 28 0.91 29.41 -18.08
N ASP B 28 0.90 29.45 -18.08
CA ASP B 28 0.14 29.62 -19.30
CA ASP B 28 0.09 29.67 -19.27
C ASP B 28 -0.75 28.41 -19.56
C ASP B 28 -0.72 28.41 -19.59
N ILE B 29 -1.75 28.58 -20.43
CA ILE B 29 -2.77 27.56 -20.68
C ILE B 29 -2.51 26.82 -22.01
N VAL B 34 -6.36 21.18 -22.09
CA VAL B 34 -7.44 21.22 -21.06
C VAL B 34 -7.29 22.55 -20.32
N LYS B 35 -8.14 23.52 -20.68
CA LYS B 35 -8.17 24.85 -20.07
C LYS B 35 -8.73 24.78 -18.64
N PRO B 36 -8.29 25.65 -17.70
CA PRO B 36 -8.70 25.56 -16.29
C PRO B 36 -10.21 25.67 -16.12
N PRO B 37 -10.84 25.08 -15.08
CA PRO B 37 -12.25 25.34 -14.78
C PRO B 37 -12.45 26.84 -14.57
N PRO B 38 -13.68 27.40 -14.71
CA PRO B 38 -13.91 28.83 -14.47
C PRO B 38 -13.42 29.30 -13.09
N ASN B 39 -12.86 30.51 -13.04
CA ASN B 39 -12.35 31.15 -11.83
C ASN B 39 -10.98 30.60 -11.40
N LYS B 40 -10.50 29.51 -12.01
CA LYS B 40 -9.30 28.84 -11.52
C LYS B 40 -8.15 29.02 -12.50
N TYR B 41 -6.93 28.82 -12.01
CA TYR B 41 -5.76 29.03 -12.86
C TYR B 41 -4.93 27.75 -12.86
N PRO B 42 -4.09 27.56 -13.91
CA PRO B 42 -3.08 26.51 -13.90
C PRO B 42 -1.90 26.87 -12.99
N ILE B 43 -1.73 26.04 -11.94
CA ILE B 43 -0.63 26.19 -10.99
C ILE B 43 0.54 25.23 -11.30
N PHE B 44 1.78 25.73 -11.15
CA PHE B 44 2.98 24.91 -11.20
C PHE B 44 3.70 25.02 -9.85
N PHE B 45 3.86 23.86 -9.19
CA PHE B 45 4.52 23.75 -7.88
C PHE B 45 6.02 23.55 -8.07
N PHE B 46 6.84 24.50 -7.58
CA PHE B 46 8.26 24.29 -7.74
C PHE B 46 8.74 23.09 -6.89
N GLY B 47 9.95 22.59 -7.19
CA GLY B 47 10.55 21.47 -6.47
C GLY B 47 9.90 20.13 -6.85
N THR B 48 8.61 19.93 -6.56
CA THR B 48 7.91 18.73 -6.99
C THR B 48 7.64 18.77 -8.48
N HIS B 49 7.41 19.98 -9.02
CA HIS B 49 7.02 20.13 -10.42
C HIS B 49 5.65 19.53 -10.72
N GLU B 50 4.76 19.41 -9.73
CA GLU B 50 3.38 18.99 -9.94
C GLU B 50 2.57 20.17 -10.48
N THR B 51 1.33 19.92 -10.96
CA THR B 51 0.45 20.98 -11.44
C THR B 51 -0.92 20.73 -10.82
N ALA B 52 -1.71 21.79 -10.59
CA ALA B 52 -3.13 21.63 -10.28
C ALA B 52 -3.86 22.89 -10.77
N PHE B 53 -5.20 22.86 -10.69
CA PHE B 53 -6.00 24.06 -10.90
C PHE B 53 -6.49 24.58 -9.54
N LEU B 54 -6.23 25.87 -9.26
CA LEU B 54 -6.58 26.51 -7.99
C LEU B 54 -7.22 27.87 -8.24
N GLY B 55 -8.15 28.24 -7.34
CA GLY B 55 -8.81 29.53 -7.38
C GLY B 55 -8.04 30.54 -6.52
N PRO B 56 -8.31 31.85 -6.63
CA PRO B 56 -7.58 32.85 -5.85
C PRO B 56 -7.54 32.70 -4.33
N LYS B 57 -8.52 32.00 -3.73
CA LYS B 57 -8.57 31.89 -2.28
C LYS B 57 -7.36 31.11 -1.75
N ASP B 58 -6.74 30.36 -2.66
CA ASP B 58 -5.63 29.49 -2.28
C ASP B 58 -4.32 29.98 -2.87
N LEU B 59 -4.35 31.19 -3.47
CA LEU B 59 -3.16 31.75 -4.09
C LEU B 59 -2.73 33.01 -3.36
N PHE B 60 -1.47 33.01 -2.90
CA PHE B 60 -0.94 34.05 -2.05
C PHE B 60 0.26 34.70 -2.77
N PRO B 61 0.15 35.97 -3.24
CA PRO B 61 1.27 36.66 -3.89
C PRO B 61 2.58 36.47 -3.12
N TYR B 62 3.62 35.98 -3.84
CA TYR B 62 4.82 35.48 -3.19
C TYR B 62 5.52 36.57 -2.41
N ASP B 63 5.57 37.78 -2.98
CA ASP B 63 6.39 38.84 -2.41
C ASP B 63 5.84 39.25 -1.06
N LYS B 64 4.52 39.49 -1.02
CA LYS B 64 3.79 39.74 0.22
C LYS B 64 3.97 38.64 1.25
N SER B 65 4.08 37.37 0.85
CA SER B 65 3.83 36.32 1.83
C SER B 65 5.06 35.48 2.15
N LYS B 66 6.21 35.84 1.56
CA LYS B 66 7.41 35.01 1.63
C LYS B 66 7.93 34.88 3.06
N ASP B 67 7.81 35.91 3.90
CA ASP B 67 8.37 35.73 5.23
C ASP B 67 7.45 34.87 6.11
N LYS B 68 6.15 34.82 5.78
CA LYS B 68 5.26 33.95 6.54
C LYS B 68 5.47 32.49 6.11
N TYR B 69 5.43 32.22 4.79
CA TYR B 69 5.28 30.87 4.27
C TYR B 69 6.59 30.28 3.76
N GLY B 70 7.62 31.13 3.65
CA GLY B 70 8.81 30.71 2.90
C GLY B 70 9.87 30.07 3.80
N LYS B 71 9.43 29.28 4.79
CA LYS B 71 10.33 28.65 5.73
C LYS B 71 10.49 27.20 5.33
N PRO B 72 11.73 26.66 5.37
CA PRO B 72 11.97 25.24 5.07
C PRO B 72 11.20 24.31 6.00
N ASN B 73 10.77 23.14 5.50
CA ASN B 73 10.14 22.12 6.33
C ASN B 73 10.56 20.72 5.84
N LYS B 74 9.85 19.66 6.27
CA LYS B 74 10.24 18.29 5.96
C LYS B 74 9.43 17.68 4.79
N ARG B 75 8.72 18.49 4.00
CA ARG B 75 7.90 17.93 2.93
C ARG B 75 8.77 17.79 1.68
N LYS B 76 8.67 16.63 1.02
CA LYS B 76 9.52 16.32 -0.11
C LYS B 76 9.29 17.31 -1.24
N GLY B 77 10.37 17.96 -1.66
CA GLY B 77 10.33 18.85 -2.80
C GLY B 77 10.26 20.33 -2.39
N PHE B 78 10.09 20.61 -1.10
CA PHE B 78 9.76 21.95 -0.62
C PHE B 78 10.98 22.83 -0.63
N ASN B 79 12.08 22.32 -0.08
CA ASN B 79 13.29 23.10 -0.07
C ASN B 79 13.80 23.24 -1.51
N GLU B 80 13.64 22.23 -2.35
CA GLU B 80 14.00 22.43 -3.74
C GLU B 80 13.14 23.54 -4.38
N GLY B 81 11.87 23.60 -3.98
CA GLY B 81 10.87 24.56 -4.43
C GLY B 81 11.27 25.97 -4.03
N LEU B 82 11.74 26.10 -2.79
CA LEU B 82 12.18 27.41 -2.29
C LEU B 82 13.37 27.84 -3.11
N TRP B 83 14.26 26.89 -3.46
CA TRP B 83 15.40 27.20 -4.29
C TRP B 83 14.96 27.71 -5.67
N GLU B 84 13.99 27.02 -6.27
CA GLU B 84 13.61 27.30 -7.65
C GLU B 84 12.93 28.66 -7.75
N ILE B 85 12.11 28.98 -6.76
CA ILE B 85 11.30 30.18 -6.90
C ILE B 85 12.21 31.41 -6.71
N GLN B 86 13.27 31.22 -5.93
CA GLN B 86 14.23 32.27 -5.65
C GLN B 86 15.27 32.40 -6.77
N ASN B 87 15.65 31.31 -7.44
CA ASN B 87 16.82 31.41 -8.31
C ASN B 87 16.45 31.34 -9.79
N ASN B 88 15.29 30.74 -10.13
CA ASN B 88 15.00 30.53 -11.54
C ASN B 88 13.52 30.25 -11.71
N PRO B 89 12.67 31.17 -11.18
CA PRO B 89 11.24 30.97 -11.15
C PRO B 89 10.63 30.71 -12.51
N HIS B 90 11.31 31.20 -13.58
CA HIS B 90 10.69 31.22 -14.91
C HIS B 90 11.29 30.15 -15.83
N ALA B 91 12.12 29.26 -15.29
CA ALA B 91 12.73 28.23 -16.13
C ALA B 91 11.70 27.23 -16.63
N SER B 92 12.06 26.45 -17.65
CA SER B 92 11.34 25.28 -18.06
C SER B 92 11.80 24.14 -17.15
N TYR B 93 10.84 23.43 -16.54
CA TYR B 93 11.10 22.30 -15.66
C TYR B 93 10.51 21.06 -16.31
N SER B 94 10.20 21.23 -17.61
CA SER B 94 9.86 20.20 -18.59
C SER B 94 10.51 18.87 -18.23
N HIS C 4 -18.08 -31.32 -12.22
CA HIS C 4 -16.62 -31.38 -11.91
C HIS C 4 -16.33 -32.69 -11.19
N ALA C 5 -15.12 -32.80 -10.60
CA ALA C 5 -14.63 -33.98 -9.92
C ALA C 5 -13.77 -33.59 -8.72
N PHE C 6 -13.91 -34.29 -7.58
CA PHE C 6 -13.11 -33.96 -6.41
C PHE C 6 -12.70 -35.24 -5.67
N LYS C 7 -11.40 -35.41 -5.43
CA LYS C 7 -10.91 -36.55 -4.67
C LYS C 7 -10.21 -36.03 -3.41
N PRO C 8 -9.91 -36.86 -2.39
CA PRO C 8 -9.28 -36.34 -1.16
C PRO C 8 -7.98 -35.59 -1.47
N GLY C 9 -7.74 -34.50 -0.72
CA GLY C 9 -6.53 -33.70 -0.84
C GLY C 9 -6.68 -32.48 -1.73
N ASP C 10 -7.56 -32.57 -2.76
CA ASP C 10 -7.87 -31.50 -3.69
C ASP C 10 -8.20 -30.20 -2.94
N LEU C 11 -7.64 -29.09 -3.41
CA LEU C 11 -7.79 -27.83 -2.69
C LEU C 11 -8.90 -27.01 -3.35
N VAL C 12 -9.74 -26.38 -2.53
CA VAL C 12 -10.89 -25.65 -3.05
C VAL C 12 -11.10 -24.40 -2.17
N PHE C 13 -12.03 -23.53 -2.60
CA PHE C 13 -12.82 -22.68 -1.72
C PHE C 13 -14.20 -23.30 -1.53
N ALA C 14 -14.62 -23.40 -0.26
CA ALA C 14 -15.84 -24.05 0.13
C ALA C 14 -16.75 -22.95 0.68
N LYS C 15 -17.99 -22.89 0.19
CA LYS C 15 -18.94 -21.87 0.56
C LYS C 15 -20.02 -22.54 1.39
N MET C 16 -20.21 -21.99 2.58
CA MET C 16 -21.25 -22.41 3.51
C MET C 16 -22.07 -21.16 3.79
N LYS C 17 -23.34 -21.35 4.18
CA LYS C 17 -24.20 -20.20 4.41
C LYS C 17 -23.71 -19.52 5.67
N GLY C 18 -23.58 -18.19 5.63
CA GLY C 18 -23.13 -17.44 6.78
C GLY C 18 -21.62 -17.18 6.78
N TYR C 19 -20.93 -17.54 5.69
CA TYR C 19 -19.47 -17.49 5.65
C TYR C 19 -19.02 -17.13 4.24
N PRO C 20 -17.93 -16.35 4.11
CA PRO C 20 -17.33 -16.11 2.80
C PRO C 20 -16.79 -17.46 2.25
N HIS C 21 -16.57 -17.50 0.94
CA HIS C 21 -15.97 -18.68 0.29
C HIS C 21 -14.60 -18.95 0.90
N TRP C 22 -14.41 -20.17 1.45
CA TRP C 22 -13.38 -20.40 2.47
C TRP C 22 -12.34 -21.34 1.86
N PRO C 23 -11.02 -21.07 2.05
CA PRO C 23 -10.01 -22.00 1.55
C PRO C 23 -10.11 -23.29 2.34
N ALA C 24 -10.00 -24.42 1.63
CA ALA C 24 -10.30 -25.71 2.23
C ALA C 24 -9.71 -26.83 1.36
N ARG C 25 -9.89 -28.08 1.79
CA ARG C 25 -9.61 -29.20 0.90
C ARG C 25 -10.60 -30.34 1.18
N ILE C 26 -10.73 -31.25 0.20
CA ILE C 26 -11.49 -32.50 0.29
C ILE C 26 -10.81 -33.43 1.27
N ASP C 27 -11.48 -33.75 2.37
CA ASP C 27 -10.98 -34.80 3.27
C ASP C 27 -11.22 -36.19 2.68
N ASP C 28 -10.64 -37.19 3.36
CA ASP C 28 -10.87 -38.61 3.13
C ASP C 28 -12.02 -39.03 4.03
N ILE C 29 -12.68 -40.16 3.69
CA ILE C 29 -13.66 -40.78 4.56
C ILE C 29 -12.96 -41.94 5.30
N LYS C 35 -21.26 -42.35 7.54
CA LYS C 35 -21.09 -42.02 6.10
C LYS C 35 -21.61 -40.60 5.86
N PRO C 36 -21.13 -39.91 4.79
CA PRO C 36 -21.66 -38.58 4.43
C PRO C 36 -23.15 -38.64 4.09
N PRO C 37 -23.89 -37.52 4.18
CA PRO C 37 -25.18 -37.45 3.51
C PRO C 37 -24.95 -37.67 2.01
N PRO C 38 -25.95 -38.19 1.27
CA PRO C 38 -25.79 -38.49 -0.15
C PRO C 38 -25.26 -37.27 -0.88
N ASN C 39 -24.32 -37.51 -1.80
CA ASN C 39 -23.78 -36.51 -2.70
C ASN C 39 -23.06 -35.39 -1.94
N LYS C 40 -22.57 -35.65 -0.72
CA LYS C 40 -21.82 -34.65 0.03
C LYS C 40 -20.37 -35.10 0.24
N TYR C 41 -19.43 -34.15 0.06
CA TYR C 41 -18.02 -34.35 0.29
C TYR C 41 -17.65 -33.92 1.70
N PRO C 42 -16.68 -34.61 2.35
CA PRO C 42 -16.20 -34.18 3.66
C PRO C 42 -15.15 -33.10 3.36
N ILE C 43 -15.29 -31.90 3.97
CA ILE C 43 -14.42 -30.75 3.77
C ILE C 43 -13.71 -30.40 5.10
N PHE C 44 -12.41 -30.08 4.98
CA PHE C 44 -11.58 -29.53 6.05
C PHE C 44 -11.34 -28.06 5.69
N PHE C 45 -11.55 -27.17 6.66
CA PHE C 45 -11.38 -25.76 6.44
C PHE C 45 -10.02 -25.32 6.98
N PHE C 46 -9.22 -24.71 6.09
CA PHE C 46 -7.95 -24.14 6.54
C PHE C 46 -8.21 -23.00 7.52
N GLY C 47 -7.25 -22.80 8.42
CA GLY C 47 -7.31 -21.67 9.32
C GLY C 47 -8.07 -22.05 10.58
N THR C 48 -9.37 -22.34 10.44
CA THR C 48 -10.18 -22.82 11.57
C THR C 48 -9.87 -24.29 11.85
N HIS C 49 -9.51 -25.07 10.81
CA HIS C 49 -9.26 -26.50 10.93
C HIS C 49 -10.51 -27.29 11.31
N GLU C 50 -11.69 -26.79 10.92
CA GLU C 50 -12.94 -27.49 11.23
C GLU C 50 -13.42 -28.29 10.04
N THR C 51 -14.46 -29.10 10.23
CA THR C 51 -14.92 -29.99 9.15
C THR C 51 -16.41 -29.81 8.94
N ALA C 52 -16.91 -30.24 7.77
CA ALA C 52 -18.30 -30.11 7.39
C ALA C 52 -18.54 -30.94 6.14
N PHE C 53 -19.82 -31.19 5.86
CA PHE C 53 -20.23 -31.89 4.65
C PHE C 53 -20.83 -30.86 3.71
N LEU C 54 -20.31 -30.82 2.49
CA LEU C 54 -20.76 -29.86 1.50
C LEU C 54 -20.97 -30.61 0.20
N GLY C 55 -21.98 -30.15 -0.55
CA GLY C 55 -22.27 -30.68 -1.86
C GLY C 55 -21.46 -29.93 -2.92
N PRO C 56 -21.30 -30.52 -4.12
CA PRO C 56 -20.31 -30.03 -5.08
C PRO C 56 -20.57 -28.61 -5.56
N LYS C 57 -21.82 -28.18 -5.47
CA LYS C 57 -22.20 -26.83 -5.87
C LYS C 57 -21.45 -25.79 -5.02
N ASP C 58 -20.96 -26.24 -3.85
CA ASP C 58 -20.46 -25.34 -2.83
C ASP C 58 -18.96 -25.18 -2.92
N LEU C 59 -18.36 -25.83 -3.91
CA LEU C 59 -16.94 -26.11 -3.96
C LEU C 59 -16.36 -25.55 -5.26
N PHE C 60 -15.15 -24.97 -5.17
CA PHE C 60 -14.52 -24.26 -6.28
C PHE C 60 -13.05 -24.65 -6.34
N PRO C 61 -12.54 -25.23 -7.47
CA PRO C 61 -11.13 -25.61 -7.56
C PRO C 61 -10.27 -24.38 -7.27
N TYR C 62 -9.28 -24.60 -6.37
CA TYR C 62 -8.46 -23.59 -5.73
C TYR C 62 -7.77 -22.74 -6.79
N ASP C 63 -7.04 -23.40 -7.69
CA ASP C 63 -6.24 -22.75 -8.71
C ASP C 63 -7.13 -21.99 -9.70
N LYS C 64 -8.30 -22.55 -10.02
CA LYS C 64 -9.22 -21.88 -10.93
C LYS C 64 -9.77 -20.59 -10.34
N SER C 65 -9.99 -20.55 -8.99
CA SER C 65 -10.85 -19.53 -8.39
C SER C 65 -10.10 -18.60 -7.42
N LYS C 66 -8.82 -18.87 -7.19
CA LYS C 66 -8.10 -18.08 -6.19
C LYS C 66 -8.10 -16.59 -6.56
N ASP C 67 -7.98 -16.27 -7.85
CA ASP C 67 -7.95 -14.86 -8.27
C ASP C 67 -9.20 -14.15 -7.76
N LYS C 68 -10.27 -14.92 -7.55
CA LYS C 68 -11.54 -14.36 -7.12
C LYS C 68 -11.72 -14.49 -5.60
N TYR C 69 -11.45 -15.67 -5.01
CA TYR C 69 -11.81 -15.82 -3.61
C TYR C 69 -10.59 -15.68 -2.69
N GLY C 70 -9.37 -15.82 -3.26
CA GLY C 70 -8.18 -15.78 -2.45
C GLY C 70 -7.76 -14.32 -2.22
N LYS C 71 -8.49 -13.66 -1.33
CA LYS C 71 -8.21 -12.28 -0.94
C LYS C 71 -8.55 -12.22 0.53
N PRO C 72 -7.84 -11.41 1.32
CA PRO C 72 -8.11 -11.37 2.77
C PRO C 72 -9.50 -10.90 3.18
N ASN C 73 -9.95 -11.38 4.33
CA ASN C 73 -11.04 -10.71 5.02
C ASN C 73 -10.79 -10.94 6.50
N LYS C 74 -11.67 -10.37 7.33
CA LYS C 74 -11.39 -10.28 8.76
C LYS C 74 -12.04 -11.43 9.51
N ARG C 75 -12.70 -12.36 8.80
CA ARG C 75 -13.36 -13.46 9.52
C ARG C 75 -12.30 -14.33 10.20
N LYS C 76 -12.66 -14.83 11.39
CA LYS C 76 -11.77 -15.60 12.25
C LYS C 76 -11.15 -16.78 11.52
N GLY C 77 -9.80 -16.79 11.50
CA GLY C 77 -9.04 -17.92 10.99
C GLY C 77 -8.82 -17.80 9.48
N PHE C 78 -9.54 -16.87 8.83
CA PHE C 78 -9.52 -16.78 7.38
C PHE C 78 -8.11 -16.58 6.82
N ASN C 79 -7.40 -15.55 7.29
CA ASN C 79 -6.13 -15.17 6.69
C ASN C 79 -5.06 -16.24 6.95
N GLU C 80 -5.01 -16.79 8.17
CA GLU C 80 -4.24 -18.00 8.39
C GLU C 80 -4.60 -19.11 7.40
N GLY C 81 -5.91 -19.31 7.15
CA GLY C 81 -6.35 -20.29 6.16
C GLY C 81 -5.73 -20.04 4.78
N LEU C 82 -5.68 -18.78 4.37
CA LEU C 82 -5.11 -18.40 3.09
C LEU C 82 -3.62 -18.76 3.05
N TRP C 83 -2.94 -18.57 4.19
CA TRP C 83 -1.53 -18.94 4.30
C TRP C 83 -1.32 -20.46 4.09
N GLU C 84 -2.07 -21.26 4.85
CA GLU C 84 -2.03 -22.72 4.78
C GLU C 84 -2.28 -23.24 3.37
N ILE C 85 -3.29 -22.70 2.67
CA ILE C 85 -3.64 -23.27 1.38
C ILE C 85 -2.54 -23.01 0.33
N GLN C 86 -1.83 -21.87 0.43
CA GLN C 86 -0.74 -21.51 -0.47
C GLN C 86 0.55 -22.22 -0.08
N ASN C 87 0.85 -22.32 1.24
CA ASN C 87 2.16 -22.62 1.78
C ASN C 87 2.26 -23.97 2.51
N ASN C 88 1.15 -24.66 2.77
CA ASN C 88 1.24 -25.90 3.54
C ASN C 88 -0.07 -26.69 3.42
N PRO C 89 -0.58 -26.94 2.19
CA PRO C 89 -1.93 -27.43 2.04
C PRO C 89 -2.16 -28.89 2.41
N HIS C 90 -1.08 -29.60 2.82
CA HIS C 90 -1.23 -31.01 3.17
C HIS C 90 -0.63 -31.37 4.53
N ALA C 91 -0.50 -30.38 5.45
CA ALA C 91 -0.15 -30.65 6.84
C ALA C 91 -1.33 -31.32 7.58
N SER C 92 -1.19 -31.52 8.90
CA SER C 92 -2.06 -32.38 9.68
C SER C 92 -3.08 -31.61 10.53
N TYR C 93 -2.62 -30.51 11.16
CA TYR C 93 -3.38 -29.71 12.10
C TYR C 93 -4.26 -30.61 13.00
S SO4 D . -2.66 -7.65 19.44
O1 SO4 D . -3.34 -6.39 19.58
O2 SO4 D . -1.68 -7.54 18.38
O3 SO4 D . -1.99 -8.02 20.66
O4 SO4 D . -3.59 -8.68 19.09
S SO4 E . 11.39 -8.39 21.32
O1 SO4 E . 11.74 -7.02 21.07
O2 SO4 E . 11.76 -9.21 20.20
O3 SO4 E . 12.08 -8.85 22.51
O4 SO4 E . 9.98 -8.51 21.54
C1 EDO F . 0.25 2.05 0.77
O1 EDO F . -0.07 1.96 -0.64
C2 EDO F . 1.17 3.18 1.12
O2 EDO F . 2.44 3.03 0.56
N1 LPU G . 3.82 -1.86 13.84
C4 LPU G . 4.73 0.71 14.61
C5 LPU G . 4.14 -0.22 15.65
C6 LPU G . 3.19 -1.24 15.02
C1 LPU G . 4.70 -4.40 13.37
S1 LPU G . 3.29 -3.35 13.38
O1 LPU G . 2.78 -3.22 12.05
O2 LPU G . 2.41 -3.82 14.41
C2 LPU G . 4.11 -0.89 12.77
C3 LPU G . 4.01 0.55 13.27
O3 LPU G . 4.77 2.08 15.09
S SO4 H . -4.69 -11.26 10.60
O1 SO4 H . -4.70 -10.32 9.54
O2 SO4 H . -5.23 -10.64 11.80
O3 SO4 H . -5.48 -12.41 10.22
O4 SO4 H . -3.33 -11.66 10.88
S SO4 I . 13.80 18.62 -1.04
O1 SO4 I . 13.01 19.70 -1.59
O2 SO4 I . 14.42 19.07 0.19
O3 SO4 I . 13.00 17.44 -0.71
O4 SO4 I . 14.79 18.29 -2.03
S SO4 J . -4.47 21.34 6.17
O1 SO4 J . -4.88 20.67 4.97
O2 SO4 J . -5.55 22.16 6.66
O3 SO4 J . -4.10 20.37 7.17
O4 SO4 J . -3.32 22.18 5.90
N1 LPU K . 1.52 18.54 -4.84
C4 LPU K . -1.19 17.71 -5.39
C5 LPU K . -0.11 16.75 -4.95
C6 LPU K . 0.89 17.47 -4.06
C1 LPU K . 2.42 20.10 -2.82
S1 LPU K . 2.89 19.12 -4.19
O1 LPU K . 3.49 19.95 -5.18
O2 LPU K . 3.62 17.99 -3.69
C2 LPU K . 0.56 19.57 -5.30
C3 LPU K . -0.59 18.92 -6.11
O3 LPU K . -2.02 17.04 -6.31
S SO4 L . -25.27 -16.16 0.89
O1 SO4 L . -25.84 -15.64 -0.33
O2 SO4 L . -23.89 -15.78 0.96
O3 SO4 L . -25.97 -15.63 2.03
O4 SO4 L . -25.37 -17.59 0.88
N1 LPU M . -16.68 -23.10 9.45
C4 LPU M . -18.52 -25.07 10.27
C5 LPU M . -18.71 -23.65 10.78
C6 LPU M . -17.40 -22.85 10.71
C1 LPU M . -15.69 -21.57 7.42
S1 LPU M . -15.46 -22.09 9.08
O1 LPU M . -14.27 -22.88 9.14
O2 LPU M . -15.58 -20.94 9.91
C2 LPU M . -16.36 -24.52 9.23
C3 LPU M . -17.06 -25.41 10.21
O3 LPU M . -19.16 -26.00 11.12
#